data_3DS8
#
_entry.id   3DS8
#
_cell.length_a   63.211
_cell.length_b   63.211
_cell.length_c   163.075
_cell.angle_alpha   90.00
_cell.angle_beta   90.00
_cell.angle_gamma   90.00
#
_symmetry.space_group_name_H-M   'P 43 21 2'
#
loop_
_entity.id
_entity.type
_entity.pdbx_description
1 polymer 'Lin2722 protein'
2 non-polymer 'SULFATE ION'
3 water water
#
_entity_poly.entity_id   1
_entity_poly.type   'polypeptide(L)'
_entity_poly.pdbx_seq_one_letter_code
;KDQIPIILIHGSGGNASSLDK(MSE)ADQL(MSE)NEYRSSNEALT(MSE)TVNSEGKIKFEGKLTKDAKRPIIKFGFEQ
NQATPDDWSKWLKIA(MSE)EDLKSRYGFTQ(MSE)DGVGHSNGGLALTYYAEDYAGDKTVPTLRKLVAIGSPFNDLDPN
DNG(MSE)DLSFKKLPNSTPQ(MSE)DYFIKNQTEVSPDLEVLAIAGELSEDNPTDGIVPTISSLATRLF(MSE)PGSAK
AYIEDIQVGEDAVHQTLHETPKSIEKTYWFLEKFKTDETVIQLDYK
;
_entity_poly.pdbx_strand_id   A
#
# COMPACT_ATOMS: atom_id res chain seq x y z
N ASP A 2 14.07 8.79 -14.46
CA ASP A 2 12.99 7.97 -15.08
C ASP A 2 12.92 6.58 -14.48
N GLN A 3 13.90 6.24 -13.62
CA GLN A 3 13.80 5.03 -12.78
C GLN A 3 12.56 5.13 -11.96
N ILE A 4 11.86 4.01 -11.76
CA ILE A 4 10.72 4.05 -10.89
C ILE A 4 10.97 3.15 -9.66
N PRO A 5 11.21 3.78 -8.50
CA PRO A 5 11.45 3.02 -7.29
C PRO A 5 10.20 2.35 -6.76
N ILE A 6 10.41 1.38 -5.90
CA ILE A 6 9.32 0.71 -5.20
C ILE A 6 9.55 0.90 -3.70
N ILE A 7 8.69 1.69 -3.06
CA ILE A 7 8.77 1.90 -1.61
C ILE A 7 7.98 0.80 -0.88
N LEU A 8 8.63 0.18 0.10
CA LEU A 8 8.02 -0.87 0.95
C LEU A 8 7.82 -0.31 2.33
N ILE A 9 6.57 -0.37 2.80
CA ILE A 9 6.19 0.22 4.09
C ILE A 9 5.53 -0.82 5.00
N HIS A 10 6.08 -0.96 6.19
CA HIS A 10 5.63 -1.89 7.21
C HIS A 10 4.27 -1.49 7.83
N GLY A 11 3.73 -2.42 8.60
CA GLY A 11 2.54 -2.23 9.45
C GLY A 11 2.95 -1.71 10.81
N SER A 12 1.96 -1.45 11.63
CA SER A 12 2.24 -0.96 12.96
C SER A 12 3.01 -2.03 13.74
N GLY A 13 3.99 -1.58 14.48
CA GLY A 13 4.91 -2.43 15.18
C GLY A 13 6.08 -2.91 14.36
N GLY A 14 6.07 -2.63 13.06
CA GLY A 14 7.08 -3.14 12.15
C GLY A 14 8.24 -2.17 11.97
N ASN A 15 9.09 -2.48 11.00
CA ASN A 15 10.30 -1.71 10.76
C ASN A 15 10.77 -1.85 9.30
N ALA A 16 11.92 -1.28 8.99
CA ALA A 16 12.42 -1.29 7.59
C ALA A 16 12.76 -2.68 7.06
N SER A 17 12.74 -3.68 7.93
CA SER A 17 13.03 -5.07 7.50
C SER A 17 11.78 -5.91 7.35
N SER A 18 10.63 -5.32 7.70
CA SER A 18 9.41 -6.10 7.77
C SER A 18 8.99 -6.73 6.42
N LEU A 19 9.27 -6.06 5.30
CA LEU A 19 8.89 -6.59 3.97
C LEU A 19 10.11 -7.23 3.26
N ASP A 20 11.08 -7.69 4.04
CA ASP A 20 12.26 -8.34 3.43
C ASP A 20 11.95 -9.64 2.69
N LYS A 21 10.88 -10.35 3.03
CA LYS A 21 10.64 -11.59 2.28
C LYS A 21 10.34 -11.20 0.83
N ALA A 23 10.97 -8.23 -0.62
CA ALA A 23 12.12 -7.59 -1.23
C ALA A 23 13.16 -8.59 -1.73
N ASP A 24 13.46 -9.60 -0.92
CA ASP A 24 14.43 -10.61 -1.29
C ASP A 24 13.97 -11.38 -2.53
N GLN A 25 12.68 -11.71 -2.61
CA GLN A 25 12.15 -12.36 -3.78
C GLN A 25 12.31 -11.46 -5.05
N LEU A 26 11.98 -10.19 -4.93
CA LEU A 26 12.11 -9.27 -6.07
C LEU A 26 13.57 -9.13 -6.51
N ASN A 28 16.23 -11.34 -5.67
CA ASN A 28 17.06 -12.54 -5.74
C ASN A 28 16.48 -13.61 -6.66
N GLU A 29 15.16 -13.69 -6.73
CA GLU A 29 14.48 -14.72 -7.49
C GLU A 29 13.82 -14.21 -8.74
N TYR A 30 12.94 -13.23 -8.60
CA TYR A 30 12.40 -12.57 -9.78
C TYR A 30 13.51 -11.78 -10.48
N ARG A 31 14.37 -11.15 -9.68
CA ARG A 31 15.48 -10.31 -10.15
C ARG A 31 14.94 -9.21 -11.04
N SER A 32 13.80 -8.64 -10.62
CA SER A 32 13.19 -7.49 -11.31
C SER A 32 13.67 -6.17 -10.72
N SER A 33 14.22 -6.24 -9.51
CA SER A 33 14.89 -5.09 -8.87
C SER A 33 16.31 -5.50 -8.60
N ASN A 34 17.26 -4.58 -8.74
CA ASN A 34 18.67 -4.96 -8.56
C ASN A 34 19.44 -4.15 -7.50
N GLU A 35 18.77 -3.17 -6.91
CA GLU A 35 19.41 -2.35 -5.86
C GLU A 35 18.36 -1.92 -4.83
N ALA A 36 18.83 -1.65 -3.61
CA ALA A 36 17.96 -1.19 -2.54
C ALA A 36 18.65 -0.15 -1.68
N LEU A 37 17.83 0.67 -1.06
CA LEU A 37 18.23 1.69 -0.11
C LEU A 37 17.29 1.52 1.12
N THR A 38 17.81 1.74 2.33
CA THR A 38 16.96 1.79 3.53
C THR A 38 16.83 3.24 3.97
N THR A 40 14.86 5.79 6.94
CA THR A 40 14.01 5.84 8.10
C THR A 40 13.75 7.28 8.51
N VAL A 41 12.64 7.51 9.18
CA VAL A 41 12.25 8.88 9.60
C VAL A 41 11.76 8.82 11.04
N ASN A 42 12.00 9.93 11.74
CA ASN A 42 11.62 10.10 13.12
C ASN A 42 10.99 11.49 13.18
N SER A 43 9.78 11.55 13.72
CA SER A 43 9.06 12.80 13.92
C SER A 43 9.81 13.80 14.80
N GLU A 44 10.83 13.33 15.54
CA GLU A 44 11.70 14.20 16.36
C GLU A 44 12.48 15.15 15.45
N GLY A 45 12.70 14.70 14.21
CA GLY A 45 13.29 15.52 13.18
C GLY A 45 14.53 14.93 12.48
N LYS A 46 14.62 13.61 12.33
CA LYS A 46 15.76 12.96 11.66
C LYS A 46 15.32 12.12 10.47
N ILE A 47 16.07 12.19 9.37
CA ILE A 47 15.87 11.35 8.18
C ILE A 47 17.21 10.66 7.94
N LYS A 48 17.19 9.38 7.70
CA LYS A 48 18.42 8.62 7.49
C LYS A 48 18.29 7.79 6.26
N PHE A 49 19.33 7.83 5.44
CA PHE A 49 19.47 7.00 4.24
C PHE A 49 20.64 6.07 4.51
N GLU A 50 20.47 4.79 4.19
CA GLU A 50 21.56 3.81 4.17
C GLU A 50 21.62 3.16 2.81
N GLY A 51 22.73 3.36 2.12
CA GLY A 51 22.94 2.84 0.78
C GLY A 51 22.95 3.97 -0.25
N LYS A 52 23.23 3.63 -1.47
CA LYS A 52 23.29 4.60 -2.55
C LYS A 52 22.78 3.88 -3.78
N LEU A 53 21.89 4.51 -4.53
CA LEU A 53 21.43 3.94 -5.80
C LEU A 53 22.31 4.45 -6.91
N THR A 54 22.68 3.56 -7.83
CA THR A 54 23.57 3.88 -8.95
C THR A 54 22.75 4.21 -10.18
N LYS A 55 23.47 4.65 -11.21
CA LYS A 55 22.89 4.90 -12.53
C LYS A 55 22.34 3.63 -13.18
N ASP A 56 22.87 2.47 -12.77
CA ASP A 56 22.37 1.22 -13.29
C ASP A 56 21.22 0.62 -12.48
N ALA A 57 20.64 1.39 -11.56
CA ALA A 57 19.53 0.85 -10.74
C ALA A 57 18.32 0.48 -11.56
N LYS A 58 17.81 -0.72 -11.32
CA LYS A 58 16.60 -1.22 -11.94
C LYS A 58 15.54 -1.44 -10.89
N ARG A 59 14.42 -0.75 -11.00
CA ARG A 59 13.31 -0.82 -10.03
C ARG A 59 13.82 -0.80 -8.59
N PRO A 60 14.59 0.23 -8.26
CA PRO A 60 15.25 0.20 -6.95
C PRO A 60 14.24 0.18 -5.81
N ILE A 61 14.51 -0.63 -4.81
CA ILE A 61 13.65 -0.78 -3.66
C ILE A 61 14.06 0.20 -2.53
N ILE A 62 13.08 0.90 -2.01
CA ILE A 62 13.26 1.74 -0.84
C ILE A 62 12.58 1.09 0.37
N LYS A 63 13.39 0.49 1.22
CA LYS A 63 12.89 -0.14 2.43
C LYS A 63 12.70 0.95 3.46
N PHE A 64 11.45 1.23 3.79
CA PHE A 64 11.14 2.40 4.62
C PHE A 64 10.81 2.03 6.05
N GLY A 65 11.27 2.84 7.01
CA GLY A 65 10.94 2.59 8.40
C GLY A 65 10.50 3.86 9.10
N PHE A 66 9.42 3.79 9.85
CA PHE A 66 9.03 4.84 10.80
C PHE A 66 9.49 4.48 12.20
N GLU A 67 10.34 5.31 12.83
CA GLU A 67 10.74 5.04 14.21
C GLU A 67 9.52 5.02 15.14
N GLN A 68 8.58 5.91 14.87
CA GLN A 68 7.31 5.97 15.59
C GLN A 68 6.36 5.00 14.90
N ASN A 69 6.54 3.72 15.22
CA ASN A 69 6.00 2.61 14.42
C ASN A 69 4.60 2.18 14.85
N GLN A 70 3.99 2.94 15.76
CA GLN A 70 2.56 2.72 16.13
C GLN A 70 1.74 3.99 15.94
N ALA A 71 2.27 4.97 15.22
CA ALA A 71 1.53 6.20 14.97
C ALA A 71 0.44 6.05 13.91
N THR A 72 -0.40 7.08 13.79
CA THR A 72 -1.54 7.03 12.90
C THR A 72 -1.08 7.10 11.44
N PRO A 73 -1.86 6.51 10.56
CA PRO A 73 -1.45 6.52 9.17
C PRO A 73 -1.35 7.93 8.59
N ASP A 74 -2.18 8.87 9.07
CA ASP A 74 -2.04 10.22 8.54
C ASP A 74 -0.79 10.92 9.05
N ASP A 75 -0.34 10.61 10.28
CA ASP A 75 0.99 11.08 10.72
C ASP A 75 2.12 10.44 9.87
N TRP A 76 2.01 9.15 9.63
CA TRP A 76 2.97 8.48 8.75
C TRP A 76 3.03 9.16 7.36
N SER A 77 1.89 9.44 6.77
CA SER A 77 1.86 10.08 5.45
C SER A 77 2.59 11.41 5.43
N LYS A 78 2.36 12.25 6.45
CA LYS A 78 3.08 13.54 6.58
C LYS A 78 4.58 13.35 6.71
N TRP A 79 5.01 12.36 7.49
CA TRP A 79 6.44 12.09 7.65
C TRP A 79 7.05 11.48 6.37
N LEU A 80 6.29 10.63 5.70
CA LEU A 80 6.70 10.08 4.42
C LEU A 80 6.93 11.19 3.39
N LYS A 81 6.00 12.16 3.31
CA LYS A 81 6.17 13.31 2.41
C LYS A 81 7.48 14.04 2.65
N ILE A 82 7.81 14.28 3.91
CA ILE A 82 9.04 14.98 4.24
C ILE A 82 10.26 14.20 3.73
N ALA A 83 10.23 12.90 3.94
CA ALA A 83 11.29 12.00 3.49
C ALA A 83 11.33 11.88 1.96
N GLU A 85 10.46 14.21 -0.12
CA GLU A 85 11.06 15.46 -0.63
C GLU A 85 12.59 15.28 -0.69
N ASP A 86 13.15 14.65 0.32
CA ASP A 86 14.61 14.42 0.35
C ASP A 86 15.02 13.40 -0.70
N LEU A 87 14.26 12.32 -0.83
CA LEU A 87 14.55 11.29 -1.85
C LEU A 87 14.57 11.88 -3.25
N LYS A 88 13.55 12.69 -3.55
CA LYS A 88 13.44 13.28 -4.89
C LYS A 88 14.57 14.31 -5.08
N SER A 89 14.87 15.06 -4.03
CA SER A 89 15.98 16.00 -4.09
C SER A 89 17.28 15.31 -4.45
N ARG A 90 17.56 14.19 -3.79
CA ARG A 90 18.78 13.40 -4.03
C ARG A 90 18.82 12.73 -5.40
N TYR A 91 17.72 12.09 -5.81
CA TYR A 91 17.73 11.25 -7.01
C TYR A 91 16.84 11.69 -8.16
N GLY A 92 15.89 12.58 -7.90
CA GLY A 92 15.06 13.12 -8.99
C GLY A 92 13.84 12.34 -9.48
N PHE A 93 13.52 11.22 -8.82
CA PHE A 93 12.43 10.33 -9.23
C PHE A 93 11.14 11.12 -9.33
N THR A 94 10.48 11.08 -10.49
CA THR A 94 9.21 11.80 -10.60
C THR A 94 8.00 10.94 -10.23
N GLN A 95 8.16 9.61 -10.31
CA GLN A 95 7.14 8.63 -9.90
C GLN A 95 7.75 7.60 -8.99
N ASP A 97 6.32 3.59 -7.08
CA ASP A 97 5.29 2.61 -6.69
C ASP A 97 5.45 2.33 -5.19
N GLY A 98 4.39 1.91 -4.53
CA GLY A 98 4.47 1.59 -3.12
C GLY A 98 3.69 0.36 -2.74
N VAL A 99 4.23 -0.42 -1.81
CA VAL A 99 3.57 -1.56 -1.22
C VAL A 99 3.56 -1.29 0.27
N GLY A 100 2.39 -1.37 0.88
CA GLY A 100 2.26 -1.16 2.31
C GLY A 100 1.47 -2.25 3.02
N HIS A 101 2.04 -2.82 4.07
CA HIS A 101 1.32 -3.79 4.89
C HIS A 101 0.50 -3.01 5.91
N SER A 102 -0.79 -3.29 5.95
CA SER A 102 -1.70 -2.80 6.96
C SER A 102 -1.67 -1.27 7.09
N ASN A 103 -1.26 -0.72 8.24
CA ASN A 103 -1.12 0.74 8.39
C ASN A 103 -0.29 1.39 7.28
N GLY A 104 0.68 0.67 6.78
CA GLY A 104 1.52 1.18 5.68
C GLY A 104 0.78 1.44 4.41
N GLY A 105 -0.16 0.57 4.10
CA GLY A 105 -1.09 0.82 2.97
C GLY A 105 -2.00 2.03 3.17
N LEU A 106 -2.44 2.28 4.42
CA LEU A 106 -3.21 3.47 4.73
C LEU A 106 -2.39 4.76 4.56
N ALA A 107 -1.15 4.73 5.01
CA ALA A 107 -0.23 5.87 4.82
C ALA A 107 -0.04 6.20 3.33
N LEU A 108 0.12 5.17 2.51
CA LEU A 108 0.20 5.40 1.07
C LEU A 108 -1.07 6.02 0.49
N THR A 109 -2.24 5.63 1.03
CA THR A 109 -3.52 6.12 0.53
C THR A 109 -3.70 7.62 0.89
N TYR A 110 -3.37 7.99 2.11
CA TYR A 110 -3.28 9.42 2.43
C TYR A 110 -2.28 10.13 1.51
N TYR A 111 -1.12 9.53 1.26
CA TYR A 111 -0.12 10.16 0.35
C TYR A 111 -0.68 10.35 -1.06
N ALA A 112 -1.39 9.35 -1.55
CA ALA A 112 -2.01 9.40 -2.85
C ALA A 112 -3.04 10.50 -2.96
N GLU A 113 -3.82 10.68 -1.88
CA GLU A 113 -4.84 11.72 -1.88
C GLU A 113 -4.33 13.12 -1.60
N ASP A 114 -3.24 13.25 -0.85
CA ASP A 114 -2.85 14.53 -0.31
C ASP A 114 -1.76 15.19 -1.12
N TYR A 115 -0.96 14.42 -1.86
CA TYR A 115 0.20 14.99 -2.59
C TYR A 115 0.30 14.70 -4.09
N ALA A 116 -0.78 14.22 -4.72
CA ALA A 116 -0.74 13.93 -6.17
C ALA A 116 -0.25 15.13 -7.04
N GLY A 117 -0.61 16.35 -6.66
CA GLY A 117 -0.20 17.54 -7.43
C GLY A 117 1.19 18.13 -7.10
N ASP A 118 1.89 17.51 -6.17
CA ASP A 118 3.03 18.16 -5.53
C ASP A 118 4.30 17.71 -6.23
N LYS A 119 4.91 18.63 -7.00
CA LYS A 119 6.10 18.34 -7.80
C LYS A 119 7.37 18.16 -6.97
N THR A 120 7.33 18.45 -5.67
CA THR A 120 8.52 18.24 -4.82
C THR A 120 8.64 16.80 -4.31
N VAL A 121 7.61 15.97 -4.50
CA VAL A 121 7.75 14.56 -4.15
C VAL A 121 7.36 13.66 -5.35
N PRO A 122 7.82 12.40 -5.36
CA PRO A 122 7.44 11.55 -6.47
C PRO A 122 5.93 11.26 -6.47
N THR A 123 5.34 11.21 -7.64
CA THR A 123 3.91 10.91 -7.75
C THR A 123 3.78 9.38 -7.54
N LEU A 124 2.83 8.96 -6.70
CA LEU A 124 2.56 7.52 -6.53
C LEU A 124 1.85 7.02 -7.80
N ARG A 125 2.36 5.93 -8.35
CA ARG A 125 1.83 5.33 -9.53
C ARG A 125 1.05 4.05 -9.16
N LYS A 126 1.75 3.01 -8.76
CA LYS A 126 1.09 1.76 -8.30
C LYS A 126 1.08 1.76 -6.78
N LEU A 127 -0.04 1.38 -6.19
CA LEU A 127 -0.24 1.33 -4.76
C LEU A 127 -0.79 -0.04 -4.41
N VAL A 128 -0.02 -0.84 -3.70
CA VAL A 128 -0.46 -2.13 -3.18
C VAL A 128 -0.67 -2.06 -1.67
N ALA A 129 -1.91 -2.34 -1.26
CA ALA A 129 -2.30 -2.30 0.17
C ALA A 129 -2.64 -3.72 0.63
N ILE A 130 -1.91 -4.23 1.63
CA ILE A 130 -2.03 -5.63 2.03
C ILE A 130 -2.63 -5.65 3.45
N GLY A 131 -3.90 -6.04 3.54
CA GLY A 131 -4.64 -6.09 4.81
C GLY A 131 -4.79 -4.74 5.50
N SER A 132 -5.05 -3.69 4.73
CA SER A 132 -5.08 -2.34 5.27
C SER A 132 -6.48 -2.05 5.75
N PRO A 133 -6.62 -1.59 7.00
CA PRO A 133 -8.00 -1.39 7.50
C PRO A 133 -8.56 -0.01 7.11
N PHE A 134 -8.97 0.10 5.85
CA PHE A 134 -9.57 1.34 5.34
C PHE A 134 -10.75 1.85 6.14
N ASN A 135 -11.56 0.94 6.67
CA ASN A 135 -12.64 1.30 7.57
C ASN A 135 -12.43 0.72 8.99
N ASP A 136 -11.18 0.75 9.46
CA ASP A 136 -10.80 0.36 10.80
C ASP A 136 -11.19 -1.10 11.14
N LEU A 137 -11.39 -1.42 12.41
CA LEU A 137 -11.43 -2.81 12.83
C LEU A 137 -12.79 -3.34 13.32
N ASP A 138 -13.76 -2.49 13.49
CA ASP A 138 -15.03 -2.90 14.11
C ASP A 138 -15.86 -3.76 13.16
N PRO A 139 -16.16 -5.01 13.55
CA PRO A 139 -17.00 -5.82 12.63
C PRO A 139 -18.37 -5.23 12.42
N ASN A 140 -18.91 -4.55 13.42
CA ASN A 140 -20.20 -3.85 13.24
C ASN A 140 -20.23 -2.77 12.16
N ASP A 141 -19.10 -2.12 11.89
CA ASP A 141 -18.99 -1.08 10.90
C ASP A 141 -18.85 -1.70 9.48
N ASN A 142 -18.46 -2.96 9.43
CA ASN A 142 -18.06 -3.59 8.17
C ASN A 142 -18.97 -4.71 7.67
N GLY A 143 -19.37 -5.59 8.58
CA GLY A 143 -20.25 -6.67 8.20
C GLY A 143 -19.56 -7.78 7.42
N ASP A 145 -20.84 -8.93 4.02
CA ASP A 145 -21.34 -9.04 2.64
C ASP A 145 -20.22 -8.67 1.68
N LEU A 146 -19.57 -9.65 1.07
CA LEU A 146 -18.43 -9.32 0.20
C LEU A 146 -18.87 -8.66 -1.10
N SER A 147 -20.17 -8.64 -1.40
CA SER A 147 -20.68 -7.90 -2.56
C SER A 147 -21.09 -6.45 -2.20
N PHE A 148 -20.67 -6.02 -1.02
CA PHE A 148 -21.02 -4.69 -0.53
C PHE A 148 -20.83 -3.53 -1.55
N LYS A 149 -21.83 -2.65 -1.60
CA LYS A 149 -21.82 -1.38 -2.33
C LYS A 149 -21.70 -0.20 -1.37
N LYS A 150 -21.93 -0.44 -0.07
CA LYS A 150 -21.79 0.57 0.98
C LYS A 150 -21.40 -0.15 2.27
N LEU A 151 -20.87 0.60 3.22
CA LEU A 151 -20.52 0.04 4.53
C LEU A 151 -21.66 0.22 5.52
N PRO A 152 -21.83 -0.76 6.42
CA PRO A 152 -22.75 -0.58 7.53
C PRO A 152 -22.57 0.74 8.25
N ASN A 153 -21.33 1.17 8.47
CA ASN A 153 -21.05 2.49 9.04
C ASN A 153 -19.66 2.92 8.60
N SER A 154 -19.54 4.12 8.04
CA SER A 154 -18.23 4.63 7.65
C SER A 154 -17.60 5.34 8.81
N THR A 155 -16.34 5.02 9.07
CA THR A 155 -15.53 5.72 10.03
C THR A 155 -15.05 7.10 9.49
N PRO A 156 -14.58 7.99 10.38
CA PRO A 156 -13.97 9.25 9.96
C PRO A 156 -12.84 9.10 8.95
N GLN A 157 -12.04 8.04 9.08
CA GLN A 157 -10.99 7.80 8.09
C GLN A 157 -11.60 7.53 6.71
N ASP A 159 -14.51 8.45 5.73
CA ASP A 159 -15.13 9.68 5.27
C ASP A 159 -14.09 10.56 4.54
N TYR A 160 -12.87 10.63 5.08
CA TYR A 160 -11.81 11.42 4.51
C TYR A 160 -11.45 10.87 3.12
N PHE A 161 -11.23 9.57 3.06
CA PHE A 161 -10.84 8.90 1.79
C PHE A 161 -11.89 9.12 0.69
N ILE A 162 -13.15 9.02 1.06
CA ILE A 162 -14.25 9.31 0.14
C ILE A 162 -14.29 10.75 -0.31
N LYS A 163 -14.18 11.67 0.64
CA LYS A 163 -14.22 13.11 0.37
C LYS A 163 -13.09 13.51 -0.60
N ASN A 164 -11.93 12.93 -0.41
CA ASN A 164 -10.75 13.37 -1.15
C ASN A 164 -10.38 12.47 -2.32
N GLN A 165 -11.29 11.56 -2.68
CA GLN A 165 -11.02 10.62 -3.77
C GLN A 165 -10.71 11.30 -5.10
N THR A 166 -11.30 12.47 -5.31
CA THR A 166 -11.12 13.31 -6.51
C THR A 166 -9.66 13.79 -6.67
N GLU A 167 -8.89 13.73 -5.58
CA GLU A 167 -7.55 14.26 -5.63
C GLU A 167 -6.53 13.25 -6.10
N VAL A 168 -6.91 11.98 -6.26
CA VAL A 168 -5.89 10.99 -6.66
C VAL A 168 -5.46 11.25 -8.10
N SER A 169 -4.22 10.89 -8.40
CA SER A 169 -3.70 10.91 -9.74
C SER A 169 -4.62 10.06 -10.62
N PRO A 170 -5.00 10.59 -11.78
CA PRO A 170 -5.79 9.77 -12.67
C PRO A 170 -5.01 8.60 -13.24
N ASP A 171 -3.70 8.55 -13.04
CA ASP A 171 -2.90 7.38 -13.45
C ASP A 171 -2.65 6.36 -12.33
N LEU A 172 -3.18 6.61 -11.15
CA LEU A 172 -2.97 5.72 -9.99
C LEU A 172 -3.52 4.32 -10.31
N GLU A 173 -2.80 3.30 -9.86
CA GLU A 173 -3.25 1.91 -10.04
C GLU A 173 -3.17 1.26 -8.66
N VAL A 174 -4.29 0.70 -8.22
CA VAL A 174 -4.44 0.24 -6.84
C VAL A 174 -4.76 -1.23 -6.80
N LEU A 175 -4.02 -1.97 -5.97
CA LEU A 175 -4.29 -3.37 -5.71
C LEU A 175 -4.54 -3.51 -4.22
N ALA A 176 -5.73 -3.99 -3.86
CA ALA A 176 -6.10 -4.24 -2.48
C ALA A 176 -6.13 -5.74 -2.24
N ILE A 177 -5.21 -6.18 -1.39
CA ILE A 177 -5.11 -7.55 -0.95
C ILE A 177 -5.72 -7.73 0.41
N ALA A 178 -6.63 -8.68 0.53
CA ALA A 178 -7.34 -8.90 1.78
C ALA A 178 -7.30 -10.36 2.17
N GLY A 179 -7.22 -10.61 3.47
CA GLY A 179 -7.36 -11.98 4.00
C GLY A 179 -8.71 -12.25 4.64
N GLU A 180 -9.13 -13.50 4.57
CA GLU A 180 -10.32 -13.98 5.19
C GLU A 180 -9.93 -15.37 5.79
N LEU A 181 -10.08 -15.53 7.09
CA LEU A 181 -9.60 -16.78 7.71
C LEU A 181 -10.40 -17.95 7.19
N SER A 182 -11.68 -17.74 6.94
CA SER A 182 -12.47 -18.77 6.31
C SER A 182 -13.69 -18.10 5.70
N GLU A 183 -14.40 -18.81 4.82
CA GLU A 183 -15.60 -18.23 4.17
C GLU A 183 -16.64 -17.79 5.17
N ASP A 184 -16.73 -18.46 6.31
CA ASP A 184 -17.69 -18.09 7.35
C ASP A 184 -17.09 -17.22 8.45
N ASN A 185 -15.88 -16.72 8.23
CA ASN A 185 -15.23 -15.86 9.22
C ASN A 185 -14.46 -14.75 8.50
N PRO A 186 -15.19 -13.72 8.03
CA PRO A 186 -14.65 -12.69 7.13
C PRO A 186 -13.79 -11.66 7.88
N THR A 187 -12.69 -12.16 8.41
CA THR A 187 -11.68 -11.32 9.05
C THR A 187 -10.34 -11.95 8.73
N ASP A 188 -9.28 -11.14 8.73
CA ASP A 188 -7.93 -11.70 8.73
C ASP A 188 -7.35 -12.01 10.12
N GLY A 189 -8.19 -11.87 11.15
CA GLY A 189 -7.81 -12.11 12.51
C GLY A 189 -7.76 -10.79 13.27
N ILE A 190 -7.54 -9.70 12.54
CA ILE A 190 -7.43 -8.35 13.12
C ILE A 190 -8.37 -7.38 12.40
N VAL A 191 -8.32 -7.44 11.07
CA VAL A 191 -9.08 -6.55 10.19
C VAL A 191 -10.24 -7.32 9.51
N PRO A 192 -11.47 -6.79 9.60
CA PRO A 192 -12.56 -7.36 8.80
C PRO A 192 -12.20 -7.29 7.31
N THR A 193 -12.48 -8.37 6.62
CA THR A 193 -12.13 -8.47 5.22
C THR A 193 -12.68 -7.31 4.42
N ILE A 194 -13.91 -6.92 4.75
CA ILE A 194 -14.52 -5.80 4.05
C ILE A 194 -13.78 -4.46 4.26
N SER A 195 -13.26 -4.24 5.46
CA SER A 195 -12.47 -3.03 5.78
C SER A 195 -11.27 -2.98 4.88
N SER A 196 -10.63 -4.12 4.68
CA SER A 196 -9.44 -4.19 3.78
C SER A 196 -9.72 -4.09 2.27
N LEU A 197 -11.01 -4.11 1.90
CA LEU A 197 -11.47 -3.90 0.54
C LEU A 197 -12.26 -2.63 0.34
N ALA A 198 -12.34 -1.80 1.38
CA ALA A 198 -13.26 -0.65 1.33
C ALA A 198 -12.79 0.44 0.37
N THR A 199 -11.56 0.32 -0.14
CA THR A 199 -11.12 1.03 -1.33
C THR A 199 -12.11 0.95 -2.48
N ARG A 200 -12.92 -0.11 -2.52
CA ARG A 200 -13.96 -0.26 -3.54
C ARG A 200 -14.90 0.93 -3.64
N LEU A 201 -15.03 1.65 -2.54
CA LEU A 201 -15.97 2.77 -2.45
C LEU A 201 -15.40 4.13 -2.84
N PHE A 202 -14.10 4.21 -3.15
CA PHE A 202 -13.52 5.47 -3.54
C PHE A 202 -12.44 5.39 -4.62
N PRO A 204 -12.37 3.06 -7.52
CA PRO A 204 -12.91 2.94 -8.88
C PRO A 204 -13.37 4.27 -9.48
N GLY A 205 -12.98 4.58 -10.71
CA GLY A 205 -13.43 5.80 -11.38
C GLY A 205 -12.62 7.05 -10.98
N SER A 206 -11.80 6.90 -9.95
CA SER A 206 -10.82 7.92 -9.54
C SER A 206 -9.44 7.47 -10.04
N ALA A 207 -9.05 6.29 -9.61
CA ALA A 207 -7.82 5.65 -10.07
C ALA A 207 -8.02 5.08 -11.46
N LYS A 208 -6.93 4.93 -12.20
CA LYS A 208 -6.96 4.26 -13.48
C LYS A 208 -7.32 2.76 -13.32
N ALA A 209 -6.75 2.12 -12.32
CA ALA A 209 -6.98 0.71 -12.10
C ALA A 209 -7.25 0.46 -10.63
N TYR A 210 -8.17 -0.45 -10.38
CA TYR A 210 -8.44 -0.90 -9.03
C TYR A 210 -8.73 -2.37 -9.11
N ILE A 211 -7.92 -3.17 -8.43
CA ILE A 211 -8.01 -4.63 -8.42
C ILE A 211 -8.04 -5.16 -7.00
N GLU A 212 -8.95 -6.09 -6.72
CA GLU A 212 -9.03 -6.73 -5.42
C GLU A 212 -8.53 -8.17 -5.52
N ASP A 213 -7.94 -8.70 -4.44
CA ASP A 213 -7.53 -10.12 -4.38
C ASP A 213 -7.78 -10.56 -2.96
N ILE A 214 -8.65 -11.54 -2.77
CA ILE A 214 -8.92 -12.09 -1.42
C ILE A 214 -8.23 -13.43 -1.28
N GLN A 215 -7.46 -13.61 -0.22
CA GLN A 215 -6.90 -14.89 0.10
C GLN A 215 -7.68 -15.49 1.27
N VAL A 216 -8.01 -16.76 1.16
CA VAL A 216 -8.84 -17.41 2.18
C VAL A 216 -8.07 -18.53 2.88
N GLY A 217 -8.26 -18.61 4.17
CA GLY A 217 -7.69 -19.69 4.95
C GLY A 217 -6.90 -19.25 6.15
N GLU A 218 -6.58 -20.21 7.01
CA GLU A 218 -5.83 -19.95 8.20
C GLU A 218 -4.50 -19.29 7.91
N ASP A 219 -3.93 -19.54 6.73
CA ASP A 219 -2.65 -18.91 6.36
C ASP A 219 -2.72 -17.42 6.00
N ALA A 220 -3.93 -16.89 5.86
CA ALA A 220 -4.12 -15.51 5.45
C ALA A 220 -4.19 -14.57 6.64
N VAL A 221 -3.57 -14.94 7.75
CA VAL A 221 -3.67 -14.14 8.97
C VAL A 221 -2.95 -12.81 8.82
N HIS A 222 -3.49 -11.80 9.49
CA HIS A 222 -3.08 -10.41 9.37
C HIS A 222 -1.57 -10.21 9.46
N GLN A 223 -0.97 -10.80 10.49
CA GLN A 223 0.38 -10.51 10.91
C GLN A 223 1.44 -10.85 9.83
N THR A 224 1.13 -11.86 9.02
CA THR A 224 2.04 -12.36 8.00
C THR A 224 1.48 -12.28 6.57
N LEU A 225 0.41 -11.52 6.38
CA LEU A 225 -0.27 -11.51 5.08
C LEU A 225 0.64 -10.99 3.93
N HIS A 226 1.53 -10.07 4.27
CA HIS A 226 2.58 -9.56 3.35
C HIS A 226 3.70 -10.57 3.03
N GLU A 227 3.63 -11.76 3.63
CA GLU A 227 4.61 -12.83 3.40
C GLU A 227 4.05 -14.06 2.71
N THR A 228 2.77 -14.07 2.41
CA THR A 228 2.18 -15.26 1.83
C THR A 228 2.70 -15.37 0.39
N PRO A 229 2.89 -16.60 -0.06
CA PRO A 229 3.23 -16.72 -1.46
C PRO A 229 2.27 -15.99 -2.38
N LYS A 230 0.97 -16.11 -2.14
CA LYS A 230 0.02 -15.45 -3.03
C LYS A 230 0.17 -13.92 -3.01
N SER A 231 0.35 -13.33 -1.82
CA SER A 231 0.59 -11.89 -1.71
C SER A 231 1.79 -11.46 -2.53
N ILE A 232 2.86 -12.18 -2.39
CA ILE A 232 4.10 -11.82 -3.11
C ILE A 232 3.95 -12.02 -4.62
N GLU A 233 3.34 -13.10 -5.02
CA GLU A 233 3.06 -13.37 -6.46
C GLU A 233 2.17 -12.27 -7.04
N LYS A 234 1.10 -11.92 -6.33
CA LYS A 234 0.16 -10.92 -6.87
C LYS A 234 0.82 -9.53 -6.96
N THR A 235 1.62 -9.21 -5.96
CA THR A 235 2.34 -7.96 -5.89
C THR A 235 3.36 -7.88 -7.03
N TYR A 236 4.16 -8.93 -7.21
CA TYR A 236 5.06 -8.97 -8.35
C TYR A 236 4.30 -8.73 -9.65
N TRP A 237 3.22 -9.49 -9.85
CA TRP A 237 2.40 -9.35 -11.06
C TRP A 237 1.96 -7.91 -11.25
N PHE A 238 1.46 -7.28 -10.19
CA PHE A 238 0.95 -5.93 -10.33
C PHE A 238 2.07 -4.94 -10.64
N LEU A 239 3.21 -5.14 -10.01
CA LEU A 239 4.34 -4.23 -10.17
C LEU A 239 5.08 -4.41 -11.47
N GLU A 240 5.15 -5.64 -11.98
CA GLU A 240 6.05 -5.92 -13.08
C GLU A 240 5.38 -6.39 -14.37
N LYS A 241 4.15 -6.88 -14.29
CA LYS A 241 3.46 -7.50 -15.44
C LYS A 241 2.21 -6.75 -15.84
N PHE A 242 1.45 -6.27 -14.86
CA PHE A 242 0.21 -5.56 -15.12
C PHE A 242 0.49 -4.21 -15.76
N LYS A 243 -0.14 -3.97 -16.91
CA LYS A 243 -0.01 -2.69 -17.58
C LYS A 243 -1.35 -2.38 -18.21
N THR A 244 -1.78 -1.13 -18.13
CA THR A 244 -3.05 -0.74 -18.79
C THR A 244 -2.99 0.74 -19.14
N ASP A 245 -3.59 1.08 -20.27
CA ASP A 245 -3.91 2.47 -20.55
C ASP A 245 -5.40 2.75 -20.33
N GLU A 246 -6.22 1.70 -20.42
CA GLU A 246 -7.66 1.83 -20.15
C GLU A 246 -7.94 1.62 -18.68
N THR A 247 -9.07 2.13 -18.25
CA THR A 247 -9.52 1.92 -16.90
C THR A 247 -9.80 0.42 -16.68
N VAL A 248 -9.40 -0.07 -15.52
CA VAL A 248 -9.67 -1.45 -15.11
C VAL A 248 -10.24 -1.42 -13.70
N ILE A 249 -11.31 -2.15 -13.48
CA ILE A 249 -11.84 -2.36 -12.15
C ILE A 249 -12.11 -3.86 -12.01
N GLN A 250 -11.57 -4.48 -10.97
CA GLN A 250 -11.83 -5.89 -10.77
C GLN A 250 -12.14 -6.12 -9.31
N LEU A 251 -13.34 -6.59 -9.06
CA LEU A 251 -13.86 -6.74 -7.70
C LEU A 251 -13.97 -8.23 -7.42
N ASP A 252 -13.72 -8.60 -6.15
CA ASP A 252 -13.86 -9.95 -5.65
C ASP A 252 -15.11 -9.99 -4.77
N TYR A 253 -16.09 -10.82 -5.10
N TYR A 253 -16.14 -10.76 -5.15
CA TYR A 253 -17.43 -10.72 -4.49
CA TYR A 253 -17.50 -10.67 -4.55
C TYR A 253 -18.02 -11.63 -3.43
C TYR A 253 -18.13 -11.74 -3.58
N LYS A 254 -17.47 -12.79 -3.08
CA LYS A 254 -16.27 -13.40 -3.68
C LYS A 254 -16.86 -14.67 -4.34
#